data_2HEZ
#
_entry.id   2HEZ
#
_cell.length_a   125.243
_cell.length_b   125.243
_cell.length_c   117.028
_cell.angle_alpha   90.00
_cell.angle_beta   90.00
_cell.angle_gamma   120.00
#
_symmetry.space_group_name_H-M   'P 32 2 1'
#
loop_
_entity.id
_entity.type
_entity.pdbx_description
1 polymer 'Bile salt hydrolase'
2 non-polymer 'SULFATE ION'
3 water water
#
_entity_poly.entity_id   1
_entity_poly.type   'polypeptide(L)'
_entity_poly.pdbx_seq_one_letter_code
;(OCS)TGVRFSDDEGNTYFGRNLDWSFSYGETILVTPRGYHYDTVFGAGGKAKPNAVIGVGVVMADRPMYFDCANEHGLA
IAGLNFPGYASFVHEPVEGTENVATFEFPLWVARNFDSVDEVEETLRNVTLVSQIVPGQQESLLHWFIGDGKRSIVVEQM
ADGMHVHHDDVDVLTNQPTFDFHMENLRNYMCVSNEMAEPTSWGKASLTAWGAGVGMHGIPGDVSSPSRFVRVAYTNAHY
PQQNDEAANVSRLFHTLGSVQMVDGMAKMGDGQFERTLFTSGYSSKTNTYYMNTYDDPAIRSYAMADYDMDSSELISVAR
;
_entity_poly.pdbx_strand_id   A,B
#
loop_
_chem_comp.id
_chem_comp.type
_chem_comp.name
_chem_comp.formula
SO4 non-polymer 'SULFATE ION' 'O4 S -2'
#
# COMPACT_ATOMS: atom_id res chain seq x y z
N OCS A 1 7.92 9.67 13.93
CA OCS A 1 6.81 10.56 14.43
CB OCS A 1 6.76 11.84 13.64
SG OCS A 1 8.44 12.37 13.30
C OCS A 1 5.45 9.98 14.25
O OCS A 1 5.19 9.22 13.31
OD1 OCS A 1 8.34 13.43 12.38
OD2 OCS A 1 8.94 12.76 14.59
OD3 OCS A 1 9.31 11.28 12.67
N THR A 2 4.55 10.43 15.11
CA THR A 2 3.19 9.99 15.04
C THR A 2 2.33 11.17 15.38
N GLY A 3 1.21 11.29 14.68
CA GLY A 3 0.22 12.35 14.99
C GLY A 3 -1.13 11.74 15.26
N VAL A 4 -1.87 12.35 16.21
CA VAL A 4 -3.21 11.90 16.57
C VAL A 4 -4.21 13.05 16.86
N ARG A 5 -5.47 12.86 16.46
CA ARG A 5 -6.52 13.72 17.02
C ARG A 5 -7.82 13.05 17.24
N PHE A 6 -8.55 13.63 18.20
CA PHE A 6 -9.87 13.17 18.46
C PHE A 6 -10.60 14.32 19.11
N SER A 7 -11.84 14.06 19.47
CA SER A 7 -12.66 15.09 19.97
C SER A 7 -13.29 14.66 21.25
N ASP A 8 -13.87 15.61 21.97
CA ASP A 8 -14.83 15.26 23.01
C ASP A 8 -16.30 15.34 22.50
N ASP A 9 -17.23 15.40 23.45
CA ASP A 9 -18.66 15.43 23.20
C ASP A 9 -19.12 16.85 22.81
N GLU A 10 -18.24 17.83 22.89
CA GLU A 10 -18.57 19.23 22.68
C GLU A 10 -17.84 19.85 21.51
N GLY A 11 -17.38 19.08 20.54
CA GLY A 11 -16.57 19.65 19.42
C GLY A 11 -15.17 20.21 19.67
N ASN A 12 -14.52 19.94 20.81
CA ASN A 12 -13.17 20.47 21.11
C ASN A 12 -12.02 19.69 20.51
N THR A 13 -10.95 20.39 20.10
CA THR A 13 -9.76 19.74 19.54
C THR A 13 -8.83 19.13 20.63
N TYR A 14 -8.54 17.83 20.50
CA TYR A 14 -7.36 17.24 21.18
C TYR A 14 -6.45 16.68 20.10
N PHE A 15 -5.19 17.11 20.12
CA PHE A 15 -4.27 16.86 19.05
C PHE A 15 -2.90 16.72 19.63
N GLY A 16 -2.11 15.77 19.14
CA GLY A 16 -0.71 15.72 19.59
C GLY A 16 0.20 14.92 18.70
N ARG A 17 1.42 14.75 19.15
CA ARG A 17 2.45 14.11 18.31
C ARG A 17 3.65 13.58 19.13
N ASN A 18 4.22 12.47 18.66
CA ASN A 18 5.51 12.08 19.18
C ASN A 18 6.52 12.66 18.23
N LEU A 19 7.67 13.10 18.76
CA LEU A 19 8.81 13.45 17.92
C LEU A 19 9.84 12.36 18.13
N ASP A 20 10.08 11.61 17.08
CA ASP A 20 10.91 10.43 17.22
C ASP A 20 12.25 10.66 16.53
N TRP A 21 13.38 10.47 17.23
CA TRP A 21 14.65 10.70 16.54
C TRP A 21 15.82 10.27 17.41
N SER A 22 17.09 10.31 16.97
CA SER A 22 18.16 9.84 17.86
C SER A 22 18.41 10.78 18.99
N PHE A 23 18.25 12.07 18.69
CA PHE A 23 18.63 13.14 19.59
C PHE A 23 18.04 14.47 19.13
N SER A 24 17.65 15.32 20.07
CA SER A 24 17.27 16.67 19.73
C SER A 24 17.92 17.61 20.77
N TYR A 25 17.96 18.93 20.52
CA TYR A 25 18.23 19.94 21.58
C TYR A 25 17.84 21.36 21.11
N GLY A 26 17.49 22.22 22.05
CA GLY A 26 17.11 23.57 21.70
C GLY A 26 15.63 23.76 21.44
N GLU A 27 14.87 22.74 21.10
CA GLU A 27 13.44 23.00 20.82
C GLU A 27 12.84 23.40 22.18
N THR A 28 11.84 24.29 22.19
CA THR A 28 11.14 24.72 23.44
C THR A 28 9.71 25.06 23.07
N ILE A 29 8.83 25.13 24.09
CA ILE A 29 7.51 25.72 23.92
C ILE A 29 7.76 27.11 23.37
N LEU A 30 7.12 27.47 22.30
CA LEU A 30 7.42 28.73 21.65
C LEU A 30 6.11 29.45 21.41
N VAL A 31 5.91 30.63 22.01
CA VAL A 31 4.66 31.41 21.81
C VAL A 31 4.81 32.44 20.67
N THR A 32 3.79 32.52 19.80
CA THR A 32 3.74 33.57 18.75
C THR A 32 2.46 34.42 18.82
N PRO A 33 2.55 35.61 19.50
CA PRO A 33 1.45 36.53 19.79
C PRO A 33 0.98 37.27 18.59
N ARG A 34 -0.28 37.70 18.65
CA ARG A 34 -0.99 38.35 17.56
C ARG A 34 -0.26 39.52 17.01
N GLY A 35 0.35 40.27 17.89
CA GLY A 35 1.03 41.45 17.46
C GLY A 35 2.45 41.24 17.07
N TYR A 36 2.81 40.05 16.60
CA TYR A 36 4.23 39.83 16.22
C TYR A 36 4.21 40.13 14.77
N HIS A 37 5.23 40.80 14.25
CA HIS A 37 5.13 41.03 12.84
C HIS A 37 5.81 39.94 12.00
N TYR A 38 4.96 39.23 11.25
CA TYR A 38 5.46 38.15 10.41
C TYR A 38 5.66 38.49 8.94
N ASP A 39 6.91 38.58 8.47
CA ASP A 39 7.02 38.67 7.00
C ASP A 39 7.19 37.35 6.27
N THR A 40 6.26 37.03 5.38
CA THR A 40 6.28 35.71 4.73
C THR A 40 7.32 35.58 3.62
N VAL A 41 8.12 34.54 3.69
CA VAL A 41 9.26 34.37 2.82
C VAL A 41 9.00 34.59 1.35
N PHE A 42 7.82 34.24 0.85
CA PHE A 42 7.53 34.48 -0.56
C PHE A 42 6.28 35.29 -0.70
N GLY A 43 6.08 36.17 0.28
CA GLY A 43 5.04 37.16 0.24
C GLY A 43 3.70 36.47 0.04
N ALA A 44 3.41 35.51 0.90
CA ALA A 44 2.14 34.86 0.80
C ALA A 44 1.16 35.64 1.69
N GLY A 45 -0.11 35.55 1.33
CA GLY A 45 -1.21 36.25 1.98
C GLY A 45 -1.28 36.00 3.46
N GLY A 46 -2.00 36.84 4.15
CA GLY A 46 -2.05 36.79 5.58
C GLY A 46 -3.51 36.79 5.93
N LYS A 47 -3.89 37.78 6.71
CA LYS A 47 -5.15 37.78 7.38
C LYS A 47 -4.90 38.95 8.22
N ALA A 48 -5.76 39.96 8.05
CA ALA A 48 -5.58 41.27 8.66
C ALA A 48 -5.25 41.06 10.15
N LYS A 49 -6.06 40.28 10.85
CA LYS A 49 -5.81 40.05 12.28
C LYS A 49 -5.32 38.60 12.59
N PRO A 50 -4.02 38.43 12.89
CA PRO A 50 -3.49 37.05 12.98
C PRO A 50 -4.01 36.30 14.22
N ASN A 51 -4.15 34.97 14.13
CA ASN A 51 -4.43 34.18 15.35
C ASN A 51 -3.22 34.04 16.29
N ALA A 52 -3.49 33.98 17.59
CA ALA A 52 -2.43 33.66 18.54
C ALA A 52 -2.01 32.18 18.33
N VAL A 53 -0.73 31.91 18.49
CA VAL A 53 -0.23 30.60 18.19
C VAL A 53 0.73 30.15 19.28
N ILE A 54 0.61 28.88 19.68
CA ILE A 54 1.58 28.25 20.55
C ILE A 54 1.95 26.87 19.94
N GLY A 55 3.19 26.42 20.20
CA GLY A 55 3.67 25.11 19.77
C GLY A 55 5.03 24.76 20.35
N VAL A 56 5.69 23.81 19.68
CA VAL A 56 7.04 23.43 19.93
C VAL A 56 7.89 23.67 18.69
N GLY A 57 9.02 24.35 18.93
CA GLY A 57 9.86 24.77 17.81
C GLY A 57 11.17 25.34 18.28
N VAL A 58 11.88 25.90 17.33
CA VAL A 58 13.10 26.61 17.59
C VAL A 58 13.05 27.97 16.80
N VAL A 59 13.76 29.02 17.25
CA VAL A 59 13.75 30.28 16.47
C VAL A 59 14.98 30.41 15.59
N MET A 60 14.75 30.69 14.32
CA MET A 60 15.84 30.80 13.39
C MET A 60 15.48 32.07 12.65
N ALA A 61 16.46 32.98 12.59
CA ALA A 61 16.28 34.40 12.20
C ALA A 61 15.45 34.97 13.32
N ASP A 62 14.35 35.58 12.98
CA ASP A 62 13.52 35.95 14.08
C ASP A 62 12.17 35.35 13.70
N ARG A 63 12.22 34.09 13.24
CA ARG A 63 11.03 33.29 12.90
C ARG A 63 10.90 32.00 13.72
N PRO A 64 9.65 31.59 14.01
CA PRO A 64 9.44 30.30 14.69
C PRO A 64 9.33 29.11 13.70
N MET A 65 10.30 28.18 13.74
CA MET A 65 10.19 26.92 12.96
C MET A 65 9.48 25.94 13.90
N TYR A 66 8.18 25.75 13.70
CA TYR A 66 7.42 24.92 14.59
C TYR A 66 7.55 23.49 14.07
N PHE A 67 7.77 22.54 14.99
CA PHE A 67 7.64 21.09 14.72
C PHE A 67 6.16 20.77 14.63
N ASP A 68 5.41 21.42 15.51
CA ASP A 68 3.98 21.37 15.59
C ASP A 68 3.49 22.64 16.35
N CYS A 69 2.30 23.11 16.03
CA CYS A 69 1.71 24.24 16.76
C CYS A 69 0.19 24.31 16.58
N ALA A 70 -0.43 25.11 17.44
CA ALA A 70 -1.87 25.23 17.42
C ALA A 70 -2.19 26.70 17.58
N ASN A 71 -3.40 27.09 17.15
CA ASN A 71 -3.92 28.42 17.42
C ASN A 71 -5.09 28.45 18.37
N GLU A 72 -5.47 29.69 18.70
CA GLU A 72 -6.48 30.00 19.72
C GLU A 72 -7.89 29.64 19.26
N HIS A 73 -8.10 29.28 17.98
CA HIS A 73 -9.42 28.77 17.58
C HIS A 73 -9.55 27.25 17.31
N GLY A 74 -8.60 26.44 17.82
CA GLY A 74 -8.71 24.98 17.72
C GLY A 74 -8.08 24.28 16.51
N LEU A 75 -7.30 25.02 15.70
CA LEU A 75 -6.63 24.40 14.55
C LEU A 75 -5.19 24.09 14.94
N ALA A 76 -4.69 22.92 14.50
CA ALA A 76 -3.35 22.42 14.90
C ALA A 76 -2.76 21.75 13.72
N ILE A 77 -1.44 21.82 13.62
CA ILE A 77 -0.72 21.25 12.47
C ILE A 77 0.59 20.60 12.99
N ALA A 78 0.95 19.44 12.48
CA ALA A 78 2.32 18.93 12.80
C ALA A 78 3.01 18.50 11.54
N GLY A 79 4.33 18.63 11.52
CA GLY A 79 5.12 18.09 10.40
C GLY A 79 5.83 16.84 10.82
N LEU A 80 5.83 15.82 9.96
CA LEU A 80 6.44 14.53 10.34
C LEU A 80 7.24 14.10 9.18
N ASN A 81 8.28 13.35 9.48
CA ASN A 81 9.33 13.11 8.56
C ASN A 81 8.83 12.27 7.43
N PHE A 82 9.30 12.52 6.21
CA PHE A 82 8.75 11.85 5.02
C PHE A 82 9.74 11.69 3.85
N PRO A 83 11.05 11.51 4.16
CA PRO A 83 11.96 11.48 3.02
C PRO A 83 11.69 10.28 2.19
N GLY A 84 12.09 10.32 0.91
CA GLY A 84 11.89 9.19 0.00
C GLY A 84 10.53 9.46 -0.66
N TYR A 85 9.69 10.30 -0.06
CA TYR A 85 8.37 10.50 -0.65
C TYR A 85 8.10 12.00 -0.86
N ALA A 86 8.31 12.83 0.17
CA ALA A 86 8.12 14.24 0.02
C ALA A 86 9.07 14.75 -1.05
N SER A 87 8.62 15.76 -1.81
CA SER A 87 9.44 16.34 -2.90
C SER A 87 8.81 17.65 -3.30
N PHE A 88 9.65 18.66 -3.51
CA PHE A 88 9.19 20.01 -3.59
C PHE A 88 9.85 20.78 -4.73
N VAL A 89 9.16 21.79 -5.24
CA VAL A 89 9.87 22.73 -6.08
C VAL A 89 10.77 23.65 -5.25
N HIS A 90 11.75 24.28 -5.91
CA HIS A 90 12.63 25.21 -5.18
C HIS A 90 12.44 26.69 -5.52
N GLU A 91 11.44 26.99 -6.35
CA GLU A 91 11.16 28.27 -7.00
C GLU A 91 9.65 28.53 -6.84
N PRO A 92 9.27 29.73 -6.32
CA PRO A 92 7.85 30.16 -6.28
C PRO A 92 7.20 30.08 -7.62
N VAL A 93 5.89 30.02 -7.64
CA VAL A 93 5.12 29.86 -8.87
C VAL A 93 4.09 30.97 -8.87
N GLU A 94 4.08 31.72 -9.97
CA GLU A 94 3.39 33.00 -10.06
C GLU A 94 1.89 32.93 -9.78
N GLY A 95 1.42 33.81 -8.91
CA GLY A 95 -0.01 33.87 -8.65
C GLY A 95 -0.58 32.59 -8.11
N THR A 96 0.25 31.92 -7.28
CA THR A 96 -0.22 30.95 -6.29
C THR A 96 0.24 31.54 -4.97
N GLU A 97 -0.37 31.09 -3.88
CA GLU A 97 0.07 31.42 -2.52
C GLU A 97 1.35 30.54 -2.27
N ASN A 98 2.55 31.14 -2.32
CA ASN A 98 3.82 30.41 -2.18
C ASN A 98 4.30 30.45 -0.74
N VAL A 99 4.38 29.26 -0.12
CA VAL A 99 4.71 29.16 1.29
C VAL A 99 5.91 28.25 1.44
N ALA A 100 6.87 28.70 2.25
CA ALA A 100 8.08 27.91 2.47
C ALA A 100 7.77 26.75 3.43
N THR A 101 8.27 25.56 3.06
CA THR A 101 8.05 24.37 3.91
C THR A 101 8.29 24.67 5.41
N PHE A 102 9.41 25.32 5.72
CA PHE A 102 9.65 25.50 7.14
C PHE A 102 8.64 26.48 7.81
N GLU A 103 7.87 27.24 7.02
CA GLU A 103 6.98 28.26 7.59
C GLU A 103 5.51 27.84 7.52
N PHE A 104 5.29 26.79 6.75
CA PHE A 104 3.99 26.21 6.62
C PHE A 104 3.22 26.04 7.93
N PRO A 105 3.83 25.44 8.97
CA PRO A 105 3.09 25.39 10.25
C PRO A 105 2.66 26.73 10.87
N LEU A 106 3.53 27.74 10.86
CA LEU A 106 3.09 29.04 11.36
C LEU A 106 1.98 29.65 10.47
N TRP A 107 2.23 29.55 9.18
CA TRP A 107 1.32 30.09 8.25
C TRP A 107 -0.09 29.48 8.44
N VAL A 108 -0.21 28.17 8.56
CA VAL A 108 -1.53 27.59 8.68
C VAL A 108 -2.14 28.05 9.98
N ALA A 109 -1.35 28.06 11.06
CA ALA A 109 -1.91 28.28 12.39
C ALA A 109 -2.45 29.72 12.46
N ARG A 110 -1.67 30.62 11.86
CA ARG A 110 -1.88 32.05 12.01
C ARG A 110 -3.09 32.56 11.23
N ASN A 111 -3.36 31.96 10.07
CA ASN A 111 -4.28 32.50 9.09
C ASN A 111 -5.58 31.77 8.92
N PHE A 112 -5.71 30.61 9.56
CA PHE A 112 -6.90 29.81 9.31
C PHE A 112 -7.57 29.37 10.58
N ASP A 113 -8.88 29.16 10.50
CA ASP A 113 -9.64 28.82 11.72
C ASP A 113 -10.27 27.45 11.65
N SER A 114 -9.95 26.68 10.60
CA SER A 114 -10.59 25.39 10.48
C SER A 114 -10.01 24.59 9.33
N VAL A 115 -10.30 23.29 9.34
CA VAL A 115 -9.68 22.45 8.38
C VAL A 115 -10.29 22.77 7.01
N ASP A 116 -11.61 23.04 7.03
CA ASP A 116 -12.35 23.57 5.87
C ASP A 116 -11.60 24.71 5.16
N GLU A 117 -11.19 25.75 5.92
CA GLU A 117 -10.45 26.82 5.27
C GLU A 117 -9.11 26.38 4.71
N VAL A 118 -8.26 25.75 5.53
CA VAL A 118 -6.96 25.26 5.08
C VAL A 118 -7.16 24.48 3.83
N GLU A 119 -8.09 23.54 3.88
CA GLU A 119 -8.26 22.73 2.71
C GLU A 119 -8.64 23.58 1.49
N GLU A 120 -9.49 24.60 1.72
CA GLU A 120 -9.96 25.44 0.63
C GLU A 120 -8.77 26.15 -0.03
N THR A 121 -7.97 26.81 0.78
CA THR A 121 -6.87 27.55 0.23
C THR A 121 -5.67 26.73 -0.30
N LEU A 122 -5.47 25.52 0.21
CA LEU A 122 -4.43 24.65 -0.33
C LEU A 122 -4.58 24.41 -1.84
N ARG A 123 -5.78 24.62 -2.32
CA ARG A 123 -5.99 24.34 -3.72
C ARG A 123 -5.17 25.31 -4.55
N ASN A 124 -4.70 26.38 -3.95
CA ASN A 124 -3.87 27.32 -4.69
C ASN A 124 -2.59 27.66 -3.91
N VAL A 125 -2.00 26.66 -3.25
CA VAL A 125 -0.84 26.91 -2.46
C VAL A 125 0.30 26.20 -3.13
N THR A 126 1.49 26.79 -3.11
CA THR A 126 2.71 26.11 -3.58
C THR A 126 3.71 26.04 -2.41
N LEU A 127 4.05 24.80 -2.02
CA LEU A 127 4.96 24.55 -0.94
C LEU A 127 6.35 24.59 -1.53
N VAL A 128 7.11 25.58 -1.08
CA VAL A 128 8.42 25.77 -1.67
C VAL A 128 9.53 25.36 -0.71
N SER A 129 10.50 24.66 -1.24
CA SER A 129 11.59 24.18 -0.41
C SER A 129 12.88 24.80 -0.93
N GLN A 130 13.50 25.67 -0.15
CA GLN A 130 14.78 26.16 -0.66
C GLN A 130 16.03 25.54 -0.09
N ILE A 131 16.94 25.15 -0.98
CA ILE A 131 18.18 24.48 -0.64
C ILE A 131 19.18 25.45 0.02
N VAL A 132 19.72 25.09 1.17
CA VAL A 132 20.93 25.74 1.66
C VAL A 132 22.13 24.77 1.47
N PRO A 133 23.22 25.19 0.75
CA PRO A 133 24.20 24.14 0.41
C PRO A 133 24.75 23.57 1.70
N GLY A 134 25.03 22.26 1.68
CA GLY A 134 25.48 21.53 2.86
C GLY A 134 24.55 21.36 4.07
N GLN A 135 23.36 21.98 4.04
CA GLN A 135 22.30 21.77 5.05
C GLN A 135 21.34 20.79 4.51
N GLN A 136 20.88 19.84 5.31
CA GLN A 136 19.97 18.86 4.72
C GLN A 136 18.56 19.37 4.48
N GLU A 137 18.00 19.09 3.31
CA GLU A 137 16.68 19.57 2.98
C GLU A 137 15.62 18.92 3.92
N SER A 138 14.77 19.71 4.55
CA SER A 138 13.74 19.13 5.42
C SER A 138 12.61 18.50 4.54
N LEU A 139 12.34 17.22 4.73
CA LEU A 139 11.41 16.49 3.85
C LEU A 139 10.16 15.95 4.60
N LEU A 140 9.15 16.80 4.82
CA LEU A 140 8.01 16.46 5.70
C LEU A 140 6.70 16.15 4.97
N HIS A 141 5.74 15.61 5.71
CA HIS A 141 4.33 15.63 5.30
C HIS A 141 3.62 16.15 6.55
N TRP A 142 2.38 16.62 6.43
CA TRP A 142 1.79 17.33 7.59
C TRP A 142 0.45 16.76 7.94
N PHE A 143 0.14 16.82 9.23
CA PHE A 143 -1.07 16.33 9.79
C PHE A 143 -1.77 17.57 10.36
N ILE A 144 -3.02 17.78 9.93
CA ILE A 144 -3.70 19.03 10.28
C ILE A 144 -5.10 18.70 10.80
N GLY A 145 -5.43 19.18 11.99
CA GLY A 145 -6.67 18.81 12.62
C GLY A 145 -7.32 19.96 13.40
N ASP A 146 -8.67 19.94 13.41
CA ASP A 146 -9.45 20.82 14.27
C ASP A 146 -10.44 19.98 15.10
N GLY A 147 -11.61 20.55 15.45
CA GLY A 147 -12.51 19.94 16.44
C GLY A 147 -13.34 18.87 15.77
N LYS A 148 -13.24 18.84 14.45
CA LYS A 148 -14.13 17.96 13.68
C LYS A 148 -13.42 16.89 12.85
N ARG A 149 -12.23 17.19 12.29
CA ARG A 149 -11.62 16.27 11.34
C ARG A 149 -10.14 16.61 11.12
N SER A 150 -9.43 15.75 10.38
CA SER A 150 -8.03 16.05 10.09
C SER A 150 -7.77 15.80 8.63
N ILE A 151 -6.73 16.44 8.15
CA ILE A 151 -6.24 16.12 6.84
C ILE A 151 -4.73 15.95 6.87
N VAL A 152 -4.23 15.40 5.79
CA VAL A 152 -2.84 15.03 5.66
C VAL A 152 -2.39 15.64 4.39
N VAL A 153 -1.35 16.46 4.43
CA VAL A 153 -0.79 17.07 3.21
C VAL A 153 0.49 16.36 2.84
N GLU A 154 0.48 15.76 1.66
CA GLU A 154 1.64 15.04 1.10
C GLU A 154 2.01 15.63 -0.21
N GLN A 155 3.04 16.49 -0.17
CA GLN A 155 3.60 17.10 -1.36
C GLN A 155 4.66 16.20 -1.95
N MET A 156 4.45 15.75 -3.19
CA MET A 156 5.32 14.74 -3.79
C MET A 156 5.66 15.09 -5.23
N ALA A 157 6.54 14.29 -5.81
CA ALA A 157 7.05 14.58 -7.13
C ALA A 157 5.82 14.75 -8.07
N ASP A 158 4.75 13.96 -7.89
CA ASP A 158 3.66 14.09 -8.85
C ASP A 158 2.67 15.17 -8.43
N GLY A 159 2.90 15.88 -7.36
CA GLY A 159 1.98 16.95 -7.04
C GLY A 159 1.53 16.87 -5.59
N MET A 160 0.63 17.75 -5.20
CA MET A 160 0.21 17.89 -3.84
C MET A 160 -1.03 16.99 -3.65
N HIS A 161 -1.09 16.25 -2.55
CA HIS A 161 -2.24 15.44 -2.25
C HIS A 161 -2.80 15.85 -0.94
N VAL A 162 -4.10 16.06 -0.88
CA VAL A 162 -4.72 16.43 0.39
C VAL A 162 -5.71 15.33 0.65
N HIS A 163 -5.52 14.59 1.76
CA HIS A 163 -6.34 13.42 2.02
C HIS A 163 -7.13 13.74 3.26
N HIS A 164 -8.37 13.27 3.30
CA HIS A 164 -9.22 13.37 4.46
C HIS A 164 -8.80 12.19 5.29
N ASP A 165 -8.44 12.45 6.53
CA ASP A 165 -7.83 11.44 7.32
C ASP A 165 -8.86 10.81 8.21
N ASP A 166 -9.54 9.80 7.72
CA ASP A 166 -10.64 9.22 8.53
C ASP A 166 -10.24 8.42 9.80
N VAL A 167 -8.96 8.14 10.00
CA VAL A 167 -8.54 7.41 11.16
C VAL A 167 -7.85 8.38 12.09
N ASP A 168 -7.72 9.60 11.63
CA ASP A 168 -7.24 10.63 12.53
C ASP A 168 -5.81 10.41 13.06
N VAL A 169 -4.95 9.73 12.27
CA VAL A 169 -3.53 9.52 12.70
C VAL A 169 -2.66 9.60 11.50
N LEU A 170 -1.40 9.88 11.72
CA LEU A 170 -0.42 9.83 10.65
C LEU A 170 0.92 9.35 11.28
N THR A 171 1.78 8.68 10.51
CA THR A 171 3.12 8.37 11.02
C THR A 171 4.14 8.82 9.94
N ASN A 172 4.92 7.92 9.37
CA ASN A 172 5.91 8.31 8.34
C ASN A 172 5.59 7.60 7.01
N GLN A 173 6.57 7.02 6.32
CA GLN A 173 6.37 6.52 4.99
C GLN A 173 5.72 5.17 4.98
N PRO A 174 5.21 4.70 3.84
CA PRO A 174 5.07 5.35 2.53
C PRO A 174 3.77 6.22 2.46
N THR A 175 3.07 6.27 1.33
CA THR A 175 1.95 7.26 1.15
C THR A 175 0.72 6.95 2.04
N PHE A 176 -0.05 8.00 2.37
CA PHE A 176 -1.28 7.83 3.14
C PHE A 176 -2.18 6.68 2.67
N ASP A 177 -2.30 6.52 1.39
CA ASP A 177 -3.04 5.49 0.76
C ASP A 177 -2.58 4.10 1.08
N PHE A 178 -1.25 3.93 1.14
CA PHE A 178 -0.72 2.62 1.44
C PHE A 178 -1.22 2.28 2.85
N HIS A 179 -1.06 3.23 3.75
CA HIS A 179 -1.44 2.98 5.15
C HIS A 179 -2.95 2.60 5.21
N MET A 180 -3.78 3.33 4.43
CA MET A 180 -5.22 3.11 4.53
C MET A 180 -5.59 1.78 3.95
N GLU A 181 -4.96 1.36 2.88
CA GLU A 181 -5.17 0.02 2.39
C GLU A 181 -4.67 -1.00 3.42
N ASN A 182 -3.51 -0.72 4.05
CA ASN A 182 -2.84 -1.73 4.88
C ASN A 182 -3.73 -2.06 6.08
N LEU A 183 -4.41 -1.06 6.62
CA LEU A 183 -5.37 -1.32 7.75
C LEU A 183 -6.36 -2.42 7.43
N ARG A 184 -6.77 -2.54 6.15
CA ARG A 184 -7.75 -3.55 5.85
C ARG A 184 -7.29 -4.95 6.28
N ASN A 185 -5.98 -5.21 6.32
CA ASN A 185 -5.46 -6.51 6.84
C ASN A 185 -5.91 -6.86 8.27
N TYR A 186 -6.03 -5.79 9.09
CA TYR A 186 -6.33 -5.91 10.53
C TYR A 186 -7.81 -5.64 10.86
N MET A 187 -8.67 -5.66 9.85
CA MET A 187 -10.17 -5.55 10.00
C MET A 187 -10.72 -6.35 11.16
N CYS A 188 -10.25 -7.60 11.34
CA CYS A 188 -10.80 -8.48 12.40
C CYS A 188 -10.19 -8.25 13.75
N VAL A 189 -9.02 -7.64 13.85
CA VAL A 189 -8.51 -7.43 15.17
C VAL A 189 -9.64 -6.76 16.04
N SER A 190 -9.86 -7.18 17.26
CA SER A 190 -11.05 -6.71 17.99
C SER A 190 -10.71 -6.37 19.43
N ASN A 191 -11.41 -5.42 20.05
CA ASN A 191 -11.27 -5.22 21.51
C ASN A 191 -12.21 -6.04 22.41
N GLU A 192 -13.12 -6.80 21.77
CA GLU A 192 -13.98 -7.72 22.54
C GLU A 192 -13.18 -8.83 23.21
N MET A 193 -13.62 -9.36 24.35
CA MET A 193 -13.06 -10.61 24.85
C MET A 193 -13.32 -11.66 23.79
N ALA A 194 -12.32 -12.49 23.50
CA ALA A 194 -12.45 -13.45 22.46
C ALA A 194 -13.43 -14.52 22.95
N GLU A 195 -14.38 -14.86 22.11
CA GLU A 195 -15.47 -15.78 22.44
C GLU A 195 -14.98 -17.24 22.40
N PRO A 196 -15.22 -18.03 23.45
CA PRO A 196 -14.87 -19.48 23.35
C PRO A 196 -15.27 -20.09 22.04
N THR A 197 -14.42 -20.87 21.39
CA THR A 197 -14.83 -21.45 20.15
C THR A 197 -14.07 -22.76 20.01
N SER A 198 -14.31 -23.55 18.97
CA SER A 198 -13.75 -24.88 18.87
C SER A 198 -13.05 -25.08 17.55
N TRP A 199 -11.96 -25.84 17.53
CA TRP A 199 -11.45 -26.36 16.23
C TRP A 199 -11.54 -27.82 16.36
N GLY A 200 -12.49 -28.40 15.61
CA GLY A 200 -12.79 -29.84 15.73
C GLY A 200 -13.19 -30.06 17.17
N LYS A 201 -12.61 -31.06 17.84
CA LYS A 201 -12.97 -31.30 19.22
C LYS A 201 -12.30 -30.36 20.19
N ALA A 202 -11.39 -29.52 19.73
CA ALA A 202 -10.56 -28.80 20.69
C ALA A 202 -11.25 -27.55 21.02
N SER A 203 -11.46 -27.38 22.29
CA SER A 203 -12.10 -26.19 22.77
C SER A 203 -11.06 -25.04 23.09
N LEU A 204 -11.16 -23.85 22.49
CA LEU A 204 -10.15 -22.79 22.67
C LEU A 204 -10.77 -21.62 23.45
N THR A 205 -10.06 -21.14 24.49
CA THR A 205 -10.53 -19.99 25.21
C THR A 205 -9.37 -19.02 25.33
N ALA A 206 -9.66 -17.78 25.68
CA ALA A 206 -8.65 -16.79 25.81
C ALA A 206 -8.07 -16.92 27.19
N TRP A 207 -6.77 -16.72 27.40
CA TRP A 207 -6.29 -16.81 28.78
C TRP A 207 -6.84 -15.66 29.63
N GLY A 208 -7.20 -14.54 28.98
CA GLY A 208 -7.46 -13.30 29.66
C GLY A 208 -7.63 -12.26 28.56
N ALA A 209 -7.46 -10.99 28.89
CA ALA A 209 -7.71 -9.94 27.91
C ALA A 209 -6.60 -9.88 26.86
N GLY A 210 -6.99 -9.51 25.63
CA GLY A 210 -6.04 -9.05 24.67
C GLY A 210 -6.00 -9.98 23.49
N VAL A 211 -6.50 -11.19 23.68
CA VAL A 211 -6.40 -12.20 22.63
C VAL A 211 -7.14 -11.77 21.32
N GLY A 212 -8.29 -11.10 21.47
CA GLY A 212 -9.05 -10.68 20.27
C GLY A 212 -8.26 -9.62 19.53
N MET A 213 -7.25 -9.06 20.18
CA MET A 213 -6.45 -8.02 19.56
C MET A 213 -5.26 -8.67 18.79
N HIS A 214 -5.01 -9.93 19.05
CA HIS A 214 -3.95 -10.62 18.36
C HIS A 214 -3.97 -10.32 16.85
N GLY A 215 -2.81 -10.05 16.28
CA GLY A 215 -2.77 -9.69 14.89
C GLY A 215 -2.26 -8.28 14.69
N ILE A 216 -2.38 -7.40 15.66
CA ILE A 216 -1.79 -6.06 15.56
C ILE A 216 -0.24 -6.17 15.62
N PRO A 217 0.49 -5.53 14.69
CA PRO A 217 1.97 -5.64 14.73
C PRO A 217 2.48 -4.83 15.91
N GLY A 218 3.57 -5.27 16.50
CA GLY A 218 4.15 -4.46 17.61
C GLY A 218 5.47 -3.78 17.32
N ASP A 219 6.03 -3.85 16.12
CA ASP A 219 7.33 -3.27 15.94
C ASP A 219 7.16 -1.77 15.84
N VAL A 220 8.25 -1.04 15.84
CA VAL A 220 8.14 0.42 15.75
C VAL A 220 8.41 0.96 14.36
N SER A 221 8.28 0.16 13.28
CA SER A 221 8.40 0.72 11.94
C SER A 221 7.23 1.63 11.66
N SER A 222 7.34 2.45 10.61
CA SER A 222 6.31 3.47 10.33
C SER A 222 4.92 2.86 10.02
N PRO A 223 4.83 1.89 9.09
CA PRO A 223 3.51 1.25 8.84
C PRO A 223 2.87 0.59 10.09
N SER A 224 3.65 -0.14 10.89
CA SER A 224 3.13 -0.82 12.10
C SER A 224 2.63 0.20 13.12
N ARG A 225 3.36 1.28 13.27
CA ARG A 225 2.91 2.29 14.18
C ARG A 225 1.59 2.89 13.68
N PHE A 226 1.45 2.98 12.37
CA PHE A 226 0.25 3.52 11.85
C PHE A 226 -0.93 2.61 12.18
N VAL A 227 -0.79 1.31 11.90
CA VAL A 227 -1.82 0.41 12.25
C VAL A 227 -2.12 0.45 13.77
N ARG A 228 -1.10 0.59 14.61
CA ARG A 228 -1.28 0.32 16.07
C ARG A 228 -1.91 1.59 16.71
N VAL A 229 -1.48 2.78 16.27
CA VAL A 229 -2.07 3.96 16.85
C VAL A 229 -3.48 4.19 16.16
N ALA A 230 -3.61 3.86 14.84
CA ALA A 230 -4.95 3.94 14.29
C ALA A 230 -5.89 3.08 15.15
N TYR A 231 -5.50 1.85 15.45
CA TYR A 231 -6.41 1.02 16.23
C TYR A 231 -6.73 1.65 17.62
N THR A 232 -5.71 2.17 18.27
CA THR A 232 -5.84 2.57 19.66
C THR A 232 -6.71 3.82 19.68
N ASN A 233 -6.49 4.69 18.68
CA ASN A 233 -7.23 5.96 18.60
C ASN A 233 -8.71 5.68 18.37
N ALA A 234 -9.02 4.63 17.61
CA ALA A 234 -10.37 4.39 17.19
C ALA A 234 -11.14 3.65 18.24
N HIS A 235 -10.44 3.00 19.18
CA HIS A 235 -11.20 2.22 20.15
C HIS A 235 -11.14 2.86 21.49
N TYR A 236 -10.38 3.92 21.64
CA TYR A 236 -10.31 4.54 22.95
C TYR A 236 -11.73 5.15 23.27
N PRO A 237 -12.32 4.87 24.45
CA PRO A 237 -13.76 5.34 24.65
C PRO A 237 -13.84 6.87 24.80
N GLN A 238 -14.83 7.50 24.18
CA GLN A 238 -14.97 8.97 24.29
C GLN A 238 -14.83 9.47 25.76
N GLN A 239 -14.08 10.56 25.93
CA GLN A 239 -13.93 11.19 27.25
C GLN A 239 -14.52 12.58 27.26
N ASN A 240 -14.78 13.11 28.46
CA ASN A 240 -15.51 14.38 28.53
C ASN A 240 -15.02 15.44 29.51
N ASP A 241 -13.81 15.33 30.02
CA ASP A 241 -13.27 16.52 30.68
C ASP A 241 -11.82 16.68 30.23
N GLU A 242 -11.20 17.83 30.50
CA GLU A 242 -9.84 18.11 30.09
C GLU A 242 -8.88 17.00 30.55
N ALA A 243 -8.86 16.74 31.84
CA ALA A 243 -7.86 15.81 32.33
C ALA A 243 -7.92 14.40 31.61
N ALA A 244 -9.13 13.88 31.47
CA ALA A 244 -9.26 12.55 30.92
C ALA A 244 -8.85 12.54 29.43
N ASN A 245 -9.02 13.69 28.78
CA ASN A 245 -8.77 13.81 27.34
C ASN A 245 -7.28 14.02 27.09
N VAL A 246 -6.62 14.76 27.95
CA VAL A 246 -5.19 14.86 27.90
C VAL A 246 -4.58 13.47 28.24
N SER A 247 -5.16 12.81 29.23
CA SER A 247 -4.63 11.56 29.56
C SER A 247 -4.90 10.66 28.34
N ARG A 248 -6.02 10.81 27.67
CA ARG A 248 -6.26 9.91 26.56
C ARG A 248 -5.24 10.15 25.42
N LEU A 249 -4.83 11.41 25.24
CA LEU A 249 -3.97 11.74 24.14
C LEU A 249 -2.60 11.13 24.40
N PHE A 250 -2.09 11.29 25.60
CA PHE A 250 -0.79 10.79 25.94
C PHE A 250 -0.70 9.24 25.97
N HIS A 251 -1.70 8.58 26.53
CA HIS A 251 -1.63 7.14 26.48
C HIS A 251 -1.64 6.66 25.02
N THR A 252 -2.39 7.36 24.16
CA THR A 252 -2.62 6.88 22.82
C THR A 252 -1.31 7.01 22.12
N LEU A 253 -0.65 8.15 22.34
CA LEU A 253 0.59 8.44 21.69
C LEU A 253 1.61 7.45 22.22
N GLY A 254 1.50 7.15 23.52
CA GLY A 254 2.37 6.19 24.20
C GLY A 254 2.25 4.80 23.61
N SER A 255 1.15 4.47 22.97
CA SER A 255 1.03 3.14 22.46
C SER A 255 2.06 2.84 21.34
N VAL A 256 2.64 3.90 20.79
CA VAL A 256 3.59 3.71 19.69
C VAL A 256 4.88 4.44 19.95
N GLN A 257 5.24 4.59 21.22
CA GLN A 257 6.45 5.29 21.53
C GLN A 257 7.63 4.40 21.15
N MET A 258 8.80 5.01 20.87
CA MET A 258 9.99 4.28 20.58
C MET A 258 10.89 4.25 21.81
N VAL A 259 11.21 3.04 22.27
CA VAL A 259 12.00 2.88 23.47
C VAL A 259 13.46 2.67 23.06
N ASP A 260 14.42 3.12 23.86
CA ASP A 260 15.83 2.96 23.52
C ASP A 260 16.16 1.52 23.37
N GLY A 261 17.07 1.17 22.46
CA GLY A 261 17.34 -0.24 22.20
C GLY A 261 16.45 -0.93 21.15
N MET A 262 15.22 -0.41 20.94
CA MET A 262 14.26 -1.11 20.06
C MET A 262 14.71 -1.17 18.60
N ALA A 263 15.31 -0.08 18.08
CA ALA A 263 15.38 0.12 16.65
C ALA A 263 16.42 1.12 16.25
N LYS A 264 17.43 0.66 15.51
CA LYS A 264 18.41 1.53 15.00
C LYS A 264 17.98 2.29 13.75
N MET A 265 18.43 3.53 13.60
CA MET A 265 18.32 4.24 12.32
C MET A 265 19.39 3.88 11.32
N GLY A 266 19.34 4.50 10.12
CA GLY A 266 20.36 4.23 9.05
C GLY A 266 21.74 4.63 9.54
N ASP A 267 21.86 5.35 10.68
CA ASP A 267 23.17 5.67 11.17
C ASP A 267 23.65 4.81 12.34
N GLY A 268 22.90 3.74 12.66
CA GLY A 268 23.25 2.86 13.80
C GLY A 268 22.91 3.48 15.15
N GLN A 269 22.24 4.61 15.19
CA GLN A 269 21.80 5.06 16.51
C GLN A 269 20.31 4.69 16.74
N PHE A 270 19.97 4.44 18.01
CA PHE A 270 18.58 4.13 18.36
C PHE A 270 17.63 5.30 18.12
N GLU A 271 16.49 5.07 17.47
CA GLU A 271 15.45 6.10 17.44
C GLU A 271 14.58 5.97 18.72
N ARG A 272 14.34 7.09 19.43
CA ARG A 272 13.47 7.14 20.59
C ARG A 272 12.47 8.28 20.42
N THR A 273 11.35 8.18 21.11
CA THR A 273 10.41 9.25 21.24
C THR A 273 11.00 10.28 22.20
N LEU A 274 11.62 11.33 21.63
CA LEU A 274 12.34 12.37 22.38
C LEU A 274 11.38 13.21 23.18
N PHE A 275 10.27 13.53 22.53
CA PHE A 275 9.19 14.21 23.23
C PHE A 275 7.79 13.96 22.62
N THR A 276 6.78 14.23 23.42
CA THR A 276 5.38 14.11 23.06
C THR A 276 4.70 15.41 23.44
N SER A 277 4.17 16.12 22.46
CA SER A 277 3.45 17.33 22.70
C SER A 277 1.97 17.12 22.42
N GLY A 278 1.14 18.00 22.99
CA GLY A 278 -0.30 18.01 22.62
C GLY A 278 -1.02 19.33 22.84
N TYR A 279 -2.29 19.40 22.41
CA TYR A 279 -3.06 20.66 22.40
C TYR A 279 -4.49 20.38 22.72
N SER A 280 -5.07 21.21 23.59
CA SER A 280 -6.52 21.23 23.90
C SER A 280 -7.12 22.54 23.48
N SER A 281 -8.10 22.53 22.57
CA SER A 281 -8.80 23.76 22.21
C SER A 281 -9.77 24.06 23.31
N LYS A 282 -10.18 23.11 24.11
CA LYS A 282 -11.02 23.43 25.25
C LYS A 282 -10.33 24.34 26.27
N THR A 283 -9.02 24.26 26.48
CA THR A 283 -8.42 25.21 27.39
C THR A 283 -7.41 26.06 26.71
N ASN A 284 -7.36 26.07 25.38
CA ASN A 284 -6.18 26.64 24.68
C ASN A 284 -4.86 26.47 25.40
N THR A 285 -4.55 25.21 25.69
CA THR A 285 -3.32 24.85 26.36
C THR A 285 -2.55 23.82 25.55
N TYR A 286 -1.24 24.04 25.47
CA TYR A 286 -0.28 23.10 24.98
C TYR A 286 0.36 22.28 26.10
N TYR A 287 0.68 21.02 25.78
CA TYR A 287 1.23 20.09 26.80
C TYR A 287 2.47 19.34 26.27
N MET A 288 3.36 18.91 27.17
CA MET A 288 4.61 18.30 26.72
C MET A 288 5.21 17.56 27.86
N ASN A 289 5.72 16.37 27.51
CA ASN A 289 6.63 15.62 28.37
C ASN A 289 7.74 15.09 27.44
N THR A 290 8.73 14.38 27.99
CA THR A 290 9.94 14.05 27.23
C THR A 290 10.38 12.63 27.56
N TYR A 291 11.37 12.13 26.83
CA TYR A 291 11.85 10.84 27.12
C TYR A 291 12.41 10.85 28.54
N ASP A 292 13.01 11.97 28.98
CA ASP A 292 13.70 11.96 30.30
C ASP A 292 12.71 12.15 31.42
N ASP A 293 11.52 12.66 31.11
CA ASP A 293 10.65 13.07 32.20
C ASP A 293 9.19 12.96 31.73
N PRO A 294 8.48 11.94 32.20
CA PRO A 294 7.11 11.79 31.71
C PRO A 294 6.09 12.77 32.32
N ALA A 295 6.47 13.53 33.34
CA ALA A 295 5.48 14.44 33.99
C ALA A 295 4.96 15.39 32.90
N ILE A 296 3.64 15.57 32.82
CA ILE A 296 3.11 16.41 31.74
C ILE A 296 3.04 17.87 32.16
N ARG A 297 3.84 18.69 31.50
CA ARG A 297 3.87 20.13 31.75
C ARG A 297 2.82 20.87 30.90
N SER A 298 2.21 21.95 31.43
CA SER A 298 1.17 22.69 30.65
C SER A 298 1.59 24.08 30.32
N TYR A 299 1.02 24.66 29.27
CA TYR A 299 1.42 25.97 28.84
C TYR A 299 0.14 26.50 28.30
N ALA A 300 -0.54 27.31 29.12
CA ALA A 300 -1.88 27.83 28.80
C ALA A 300 -1.67 29.14 28.04
N MET A 301 -2.38 29.32 26.93
CA MET A 301 -2.30 30.57 26.14
C MET A 301 -2.60 31.77 27.03
N ALA A 302 -3.71 31.66 27.76
CA ALA A 302 -4.06 32.58 28.80
C ALA A 302 -2.87 33.07 29.69
N ASP A 303 -1.71 32.41 29.71
CA ASP A 303 -0.63 32.90 30.58
C ASP A 303 0.33 33.83 29.88
N TYR A 304 0.03 34.15 28.63
CA TYR A 304 0.95 34.89 27.82
C TYR A 304 0.15 36.07 27.29
N ASP A 305 0.82 37.19 27.05
CA ASP A 305 0.17 38.38 26.56
C ASP A 305 0.07 38.31 25.02
N MET A 306 -1.11 37.94 24.53
CA MET A 306 -1.19 37.62 23.10
C MET A 306 -1.21 38.83 22.17
N ASP A 307 -1.12 40.01 22.78
CA ASP A 307 -1.06 41.26 22.04
C ASP A 307 0.32 41.78 21.86
N SER A 308 1.31 41.24 22.55
CA SER A 308 2.68 41.66 22.36
C SER A 308 3.24 41.33 20.95
N SER A 309 4.48 41.74 20.66
CA SER A 309 5.05 41.64 19.29
C SER A 309 6.30 40.74 19.21
N GLU A 310 6.60 40.12 20.34
CA GLU A 310 7.75 39.27 20.59
C GLU A 310 7.46 37.78 20.54
N LEU A 311 8.34 37.00 19.91
CA LEU A 311 8.35 35.52 20.11
C LEU A 311 8.71 35.20 21.58
N ILE A 312 8.05 34.26 22.23
CA ILE A 312 8.51 33.92 23.58
C ILE A 312 8.93 32.45 23.68
N SER A 313 10.08 32.14 24.27
CA SER A 313 10.51 30.74 24.55
C SER A 313 10.44 30.41 26.00
N VAL A 314 10.06 29.17 26.39
CA VAL A 314 10.06 28.81 27.82
C VAL A 314 10.68 27.42 28.10
N ALA A 315 11.20 27.09 29.33
CA ALA A 315 11.67 25.70 29.76
C ALA A 315 12.05 25.75 31.19
N ARG A 316 12.96 24.79 31.47
CA ARG A 316 13.45 23.92 30.41
C ARG A 316 13.23 22.45 30.74
N OCS B 1 -6.41 -15.98 -7.27
CA OCS B 1 -5.39 -16.17 -8.38
CB OCS B 1 -5.87 -15.41 -9.57
SG OCS B 1 -7.64 -15.50 -9.80
C OCS B 1 -3.98 -15.65 -8.06
O OCS B 1 -3.84 -14.66 -7.37
OD1 OCS B 1 -7.82 -16.72 -10.48
OD2 OCS B 1 -7.95 -14.33 -10.49
OD3 OCS B 1 -8.54 -15.40 -8.61
N THR B 2 -2.95 -16.29 -8.57
CA THR B 2 -1.50 -16.10 -8.28
C THR B 2 -1.33 -16.37 -9.62
N GLY B 3 -0.35 -15.57 -9.95
CA GLY B 3 0.42 -15.89 -11.13
C GLY B 3 1.90 -15.86 -10.86
N VAL B 4 2.67 -16.61 -11.63
CA VAL B 4 4.12 -16.78 -11.36
C VAL B 4 4.91 -16.96 -12.68
N ARG B 5 6.11 -16.36 -12.75
CA ARG B 5 7.07 -16.60 -13.82
C ARG B 5 8.49 -16.75 -13.32
N PHE B 6 9.25 -17.61 -13.99
CA PHE B 6 10.70 -17.74 -13.83
C PHE B 6 11.33 -18.37 -15.06
N SER B 7 12.65 -18.39 -15.03
CA SER B 7 13.40 -18.95 -16.15
C SER B 7 14.31 -20.08 -15.75
N ASP B 8 14.72 -20.91 -16.74
CA ASP B 8 15.87 -21.80 -16.52
C ASP B 8 17.15 -21.06 -16.81
N ASP B 9 18.26 -21.79 -16.98
CA ASP B 9 19.59 -21.15 -17.26
C ASP B 9 19.82 -21.00 -18.78
N GLU B 10 18.85 -21.41 -19.59
CA GLU B 10 18.92 -21.25 -21.07
C GLU B 10 17.93 -20.20 -21.61
N GLY B 11 17.17 -19.53 -20.71
CA GLY B 11 16.22 -18.49 -21.10
C GLY B 11 14.84 -18.93 -21.57
N ASN B 12 14.40 -20.14 -21.22
CA ASN B 12 13.03 -20.57 -21.52
C ASN B 12 11.94 -20.03 -20.57
N THR B 13 10.68 -20.09 -21.00
CA THR B 13 9.62 -19.55 -20.22
C THR B 13 9.01 -20.59 -19.31
N TYR B 14 8.94 -20.29 -18.02
CA TYR B 14 8.06 -21.04 -17.13
C TYR B 14 7.06 -20.04 -16.51
N PHE B 15 5.79 -20.28 -16.82
CA PHE B 15 4.73 -19.37 -16.45
C PHE B 15 3.57 -20.22 -16.05
N GLY B 16 2.83 -19.83 -15.01
CA GLY B 16 1.63 -20.66 -14.57
C GLY B 16 0.72 -19.91 -13.57
N ARG B 17 -0.38 -20.49 -13.12
CA ARG B 17 -1.20 -19.62 -12.33
C ARG B 17 -2.18 -20.44 -11.66
N ASN B 18 -2.75 -19.98 -10.57
CA ASN B 18 -3.86 -20.71 -9.95
C ASN B 18 -5.09 -19.98 -10.34
N LEU B 19 -6.17 -20.73 -10.53
CA LEU B 19 -7.47 -20.12 -10.66
C LEU B 19 -8.26 -20.37 -9.40
N ASP B 20 -8.57 -19.31 -8.71
CA ASP B 20 -9.24 -19.50 -7.43
C ASP B 20 -10.69 -18.99 -7.55
N TRP B 21 -11.66 -19.84 -7.22
CA TRP B 21 -13.03 -19.49 -7.34
C TRP B 21 -13.88 -20.50 -6.58
N SER B 22 -15.19 -20.25 -6.51
CA SER B 22 -16.09 -21.21 -5.87
C SER B 22 -16.48 -22.39 -6.74
N PHE B 23 -16.70 -22.18 -8.03
CA PHE B 23 -17.34 -23.19 -8.89
C PHE B 23 -16.66 -23.09 -10.25
N SER B 24 -16.50 -24.20 -10.95
CA SER B 24 -15.98 -24.19 -12.34
C SER B 24 -16.94 -23.45 -13.33
N TYR B 25 -16.42 -22.75 -14.35
CA TYR B 25 -17.32 -22.20 -15.40
C TYR B 25 -17.30 -23.15 -16.67
N GLY B 26 -17.01 -24.43 -16.48
CA GLY B 26 -16.79 -25.34 -17.59
C GLY B 26 -15.54 -25.17 -18.44
N GLU B 27 -14.52 -24.50 -17.91
CA GLU B 27 -13.26 -24.23 -18.65
C GLU B 27 -12.53 -25.48 -19.10
N THR B 28 -11.68 -25.37 -20.11
CA THR B 28 -11.07 -26.53 -20.72
C THR B 28 -9.75 -26.13 -21.33
N ILE B 29 -8.86 -27.09 -21.63
CA ILE B 29 -7.72 -26.74 -22.50
C ILE B 29 -8.23 -26.37 -23.90
N LEU B 30 -7.56 -25.40 -24.51
CA LEU B 30 -8.10 -24.75 -25.70
C LEU B 30 -7.00 -24.30 -26.63
N VAL B 31 -6.92 -24.93 -27.81
CA VAL B 31 -5.96 -24.60 -28.86
C VAL B 31 -6.70 -23.64 -29.76
N THR B 32 -5.99 -22.63 -30.21
CA THR B 32 -6.45 -21.67 -31.18
C THR B 32 -5.46 -21.70 -32.34
N PRO B 33 -5.78 -22.48 -33.41
CA PRO B 33 -4.83 -22.76 -34.50
C PRO B 33 -4.49 -21.50 -35.24
N ARG B 34 -3.32 -21.45 -35.88
CA ARG B 34 -2.94 -20.31 -36.75
C ARG B 34 -3.97 -19.92 -37.86
N GLY B 35 -4.64 -20.89 -38.46
CA GLY B 35 -5.56 -20.59 -39.54
C GLY B 35 -6.97 -20.43 -39.03
N TYR B 36 -7.10 -20.15 -37.75
CA TYR B 36 -8.41 -19.82 -37.22
C TYR B 36 -8.63 -18.38 -37.64
N HIS B 37 -9.79 -18.10 -38.24
CA HIS B 37 -10.04 -16.72 -38.63
C HIS B 37 -10.68 -16.01 -37.46
N TYR B 38 -10.01 -14.96 -37.01
CA TYR B 38 -10.54 -14.23 -35.89
C TYR B 38 -10.83 -12.75 -36.17
N ASP B 39 -12.08 -12.34 -35.94
CA ASP B 39 -12.43 -10.91 -36.04
C ASP B 39 -12.46 -10.19 -34.68
N THR B 40 -11.53 -9.23 -34.51
CA THR B 40 -11.36 -8.46 -33.30
C THR B 40 -12.53 -7.53 -32.98
N VAL B 41 -13.17 -7.74 -31.84
CA VAL B 41 -14.43 -7.08 -31.53
C VAL B 41 -14.50 -5.54 -31.82
N PHE B 42 -13.37 -4.84 -31.77
CA PHE B 42 -13.28 -3.40 -32.02
C PHE B 42 -12.24 -3.07 -33.10
N GLY B 43 -11.95 -4.08 -33.95
CA GLY B 43 -11.05 -3.92 -35.09
C GLY B 43 -9.61 -3.58 -34.75
N ALA B 44 -9.11 -4.17 -33.66
CA ALA B 44 -7.71 -3.98 -33.33
C ALA B 44 -6.94 -4.73 -34.40
N GLY B 45 -5.88 -4.08 -34.85
CA GLY B 45 -4.93 -4.63 -35.80
C GLY B 45 -4.48 -5.97 -35.30
N GLY B 46 -4.13 -6.83 -36.22
CA GLY B 46 -3.64 -8.17 -35.92
C GLY B 46 -2.18 -8.23 -36.36
N LYS B 47 -1.83 -9.27 -37.09
CA LYS B 47 -0.50 -9.39 -37.65
C LYS B 47 -0.76 -10.48 -38.67
N ALA B 48 -0.19 -10.35 -39.87
CA ALA B 48 -0.58 -11.19 -41.01
C ALA B 48 -0.44 -12.69 -40.70
N LYS B 49 0.70 -13.04 -40.12
CA LYS B 49 1.07 -14.43 -39.84
C LYS B 49 0.88 -14.85 -38.32
N PRO B 50 -0.39 -15.03 -37.82
CA PRO B 50 -0.60 -15.24 -36.36
C PRO B 50 0.09 -16.45 -35.67
N ASN B 51 0.57 -16.23 -34.44
CA ASN B 51 1.12 -17.29 -33.58
C ASN B 51 0.14 -18.37 -33.21
N ALA B 52 0.66 -19.58 -33.08
CA ALA B 52 -0.09 -20.70 -32.53
C ALA B 52 -0.35 -20.43 -31.02
N VAL B 53 -1.52 -20.83 -30.52
CA VAL B 53 -1.93 -20.49 -29.15
C VAL B 53 -2.56 -21.66 -28.40
N ILE B 54 -2.07 -21.88 -27.17
CA ILE B 54 -2.70 -22.85 -26.25
C ILE B 54 -2.95 -22.16 -24.91
N GLY B 55 -3.95 -22.64 -24.17
CA GLY B 55 -4.35 -21.99 -22.93
C GLY B 55 -5.51 -22.68 -22.29
N VAL B 56 -6.15 -21.99 -21.35
CA VAL B 56 -7.28 -22.58 -20.68
C VAL B 56 -8.29 -21.52 -20.75
N GLY B 57 -9.50 -21.98 -21.04
CA GLY B 57 -10.63 -21.08 -21.29
C GLY B 57 -11.95 -21.73 -21.68
N VAL B 58 -12.93 -20.87 -21.96
CA VAL B 58 -14.24 -21.32 -22.46
C VAL B 58 -14.44 -20.80 -23.89
N VAL B 59 -15.38 -21.44 -24.62
CA VAL B 59 -15.90 -20.89 -25.92
C VAL B 59 -17.28 -20.23 -25.77
N MET B 60 -17.41 -18.94 -26.16
CA MET B 60 -18.70 -18.16 -26.24
C MET B 60 -18.75 -17.47 -27.62
N ALA B 61 -19.93 -17.25 -28.21
CA ALA B 61 -19.98 -17.04 -29.69
C ALA B 61 -19.16 -18.18 -30.26
N ASP B 62 -18.30 -17.91 -31.21
CA ASP B 62 -17.39 -18.95 -31.60
C ASP B 62 -16.08 -18.30 -31.26
N ARG B 63 -16.05 -17.59 -30.14
CA ARG B 63 -14.82 -16.91 -29.67
C ARG B 63 -14.08 -17.62 -28.51
N PRO B 64 -12.72 -17.68 -28.59
CA PRO B 64 -11.91 -18.29 -27.51
C PRO B 64 -11.67 -17.32 -26.34
N MET B 65 -12.21 -17.69 -25.17
CA MET B 65 -12.08 -16.80 -24.03
C MET B 65 -11.14 -17.29 -22.94
N TYR B 66 -9.92 -16.83 -23.02
CA TYR B 66 -8.86 -17.45 -22.29
C TYR B 66 -8.71 -16.84 -20.90
N PHE B 67 -8.72 -17.72 -19.87
CA PHE B 67 -8.15 -17.42 -18.53
C PHE B 67 -6.65 -17.11 -18.54
N ASP B 68 -5.91 -17.93 -19.26
CA ASP B 68 -4.49 -17.71 -19.50
C ASP B 68 -4.19 -18.51 -20.77
N CYS B 69 -3.15 -18.09 -21.44
CA CYS B 69 -2.77 -18.74 -22.67
C CYS B 69 -1.32 -18.31 -22.95
N ALA B 70 -0.68 -19.09 -23.82
CA ALA B 70 0.74 -18.83 -24.22
C ALA B 70 0.94 -19.20 -25.71
N ASN B 71 1.83 -18.48 -26.38
CA ASN B 71 2.06 -18.74 -27.80
C ASN B 71 3.29 -19.59 -28.11
N GLU B 72 3.43 -19.94 -29.40
CA GLU B 72 4.55 -20.78 -29.84
C GLU B 72 5.93 -20.13 -29.64
N HIS B 73 6.01 -18.84 -29.31
CA HIS B 73 7.32 -18.21 -29.04
C HIS B 73 7.60 -17.75 -27.64
N GLY B 74 6.94 -18.39 -26.68
CA GLY B 74 7.30 -18.31 -25.25
C GLY B 74 6.68 -17.13 -24.48
N LEU B 75 5.74 -16.40 -25.11
CA LEU B 75 5.02 -15.33 -24.45
C LEU B 75 3.71 -15.91 -23.93
N ALA B 76 3.39 -15.50 -22.69
CA ALA B 76 2.24 -16.02 -21.95
C ALA B 76 1.60 -14.91 -21.11
N ILE B 77 0.29 -15.11 -20.91
CA ILE B 77 -0.55 -14.10 -20.37
C ILE B 77 -1.65 -14.76 -19.49
N ALA B 78 -1.93 -14.11 -18.34
CA ALA B 78 -3.02 -14.56 -17.47
C ALA B 78 -3.81 -13.38 -17.02
N GLY B 79 -5.13 -13.58 -16.92
CA GLY B 79 -5.95 -12.54 -16.43
C GLY B 79 -6.36 -12.94 -15.06
N LEU B 80 -6.28 -11.97 -14.14
CA LEU B 80 -6.62 -12.27 -12.71
C LEU B 80 -7.58 -11.25 -12.17
N ASN B 81 -8.46 -11.70 -11.33
CA ASN B 81 -9.52 -10.92 -10.83
C ASN B 81 -8.99 -9.72 -10.04
N PHE B 82 -9.61 -8.57 -10.33
CA PHE B 82 -9.24 -7.30 -9.81
C PHE B 82 -10.50 -6.35 -9.52
N PRO B 83 -11.66 -6.89 -9.07
CA PRO B 83 -12.72 -5.87 -8.81
C PRO B 83 -12.39 -4.85 -7.74
N GLY B 84 -12.89 -3.65 -7.90
CA GLY B 84 -12.65 -2.61 -6.94
C GLY B 84 -11.52 -1.67 -7.37
N TYR B 85 -10.75 -2.07 -8.39
CA TYR B 85 -9.56 -1.34 -8.83
C TYR B 85 -9.61 -1.21 -10.35
N ALA B 86 -9.83 -2.35 -11.05
CA ALA B 86 -9.98 -2.33 -12.48
C ALA B 86 -11.20 -1.46 -12.92
N SER B 87 -11.07 -0.88 -14.10
CA SER B 87 -12.10 0.07 -14.53
C SER B 87 -11.81 0.49 -15.96
N PHE B 88 -12.81 0.33 -16.82
CA PHE B 88 -12.58 0.45 -18.28
C PHE B 88 -13.59 1.37 -18.99
N VAL B 89 -13.16 1.94 -20.12
CA VAL B 89 -14.09 2.67 -21.03
C VAL B 89 -14.99 1.66 -21.70
N HIS B 90 -16.12 2.11 -22.25
CA HIS B 90 -16.95 1.14 -23.01
C HIS B 90 -17.05 1.39 -24.50
N GLU B 91 -16.22 2.31 -25.00
CA GLU B 91 -16.24 2.71 -26.41
C GLU B 91 -14.81 2.92 -26.94
N PRO B 92 -14.52 2.45 -28.18
CA PRO B 92 -13.22 2.56 -28.81
C PRO B 92 -12.77 3.98 -28.84
N VAL B 93 -11.46 4.19 -28.82
CA VAL B 93 -10.92 5.53 -28.99
C VAL B 93 -10.30 5.55 -30.39
N GLU B 94 -10.54 6.61 -31.18
CA GLU B 94 -10.02 6.62 -32.56
C GLU B 94 -8.47 6.60 -32.67
N GLY B 95 -7.95 5.68 -33.47
CA GLY B 95 -6.51 5.64 -33.74
C GLY B 95 -5.66 5.15 -32.57
N THR B 96 -6.32 4.40 -31.66
CA THR B 96 -5.65 3.54 -30.69
C THR B 96 -6.02 2.17 -31.19
N GLU B 97 -5.23 1.14 -30.86
CA GLU B 97 -5.69 -0.25 -31.08
C GLU B 97 -6.68 -0.62 -29.97
N ASN B 98 -7.92 -0.92 -30.34
CA ASN B 98 -8.96 -1.08 -29.30
C ASN B 98 -9.21 -2.54 -29.09
N VAL B 99 -8.88 -3.02 -27.86
CA VAL B 99 -8.98 -4.45 -27.60
C VAL B 99 -10.01 -4.71 -26.54
N ALA B 100 -10.89 -5.68 -26.77
CA ALA B 100 -11.83 -6.04 -25.73
C ALA B 100 -11.12 -6.87 -24.68
N THR B 101 -11.36 -6.43 -23.48
CA THR B 101 -11.12 -7.16 -22.24
C THR B 101 -11.03 -8.70 -22.38
N PHE B 102 -12.12 -9.36 -22.76
CA PHE B 102 -12.09 -10.81 -22.80
C PHE B 102 -11.21 -11.39 -23.98
N GLU B 103 -10.85 -10.53 -24.95
CA GLU B 103 -10.07 -11.02 -26.08
C GLU B 103 -8.60 -10.63 -25.88
N PHE B 104 -8.33 -9.86 -24.83
CA PHE B 104 -6.96 -9.43 -24.59
C PHE B 104 -5.93 -10.58 -24.53
N PRO B 105 -6.17 -11.64 -23.70
CA PRO B 105 -5.26 -12.79 -23.65
C PRO B 105 -5.00 -13.37 -25.02
N LEU B 106 -6.05 -13.60 -25.81
CA LEU B 106 -5.81 -14.10 -27.19
C LEU B 106 -5.09 -13.07 -28.02
N TRP B 107 -5.55 -11.84 -27.95
CA TRP B 107 -4.93 -10.85 -28.74
C TRP B 107 -3.42 -10.78 -28.47
N VAL B 108 -2.99 -10.72 -27.20
CA VAL B 108 -1.56 -10.50 -27.02
C VAL B 108 -0.73 -11.70 -27.45
N ALA B 109 -1.29 -12.90 -27.28
CA ALA B 109 -0.60 -14.13 -27.60
C ALA B 109 -0.45 -14.31 -29.10
N ARG B 110 -1.52 -14.04 -29.84
CA ARG B 110 -1.47 -14.26 -31.27
C ARG B 110 -0.54 -13.29 -31.90
N ASN B 111 -0.45 -12.07 -31.44
CA ASN B 111 0.29 -11.06 -32.20
C ASN B 111 1.70 -10.67 -31.75
N PHE B 112 2.18 -11.18 -30.62
CA PHE B 112 3.43 -10.67 -30.10
C PHE B 112 4.32 -11.78 -29.67
N ASP B 113 5.62 -11.50 -29.65
CA ASP B 113 6.61 -12.57 -29.45
C ASP B 113 7.41 -12.38 -28.20
N SER B 114 7.35 -11.21 -27.60
CA SER B 114 8.08 -10.99 -26.39
C SER B 114 7.38 -9.91 -25.52
N VAL B 115 7.86 -9.75 -24.28
CA VAL B 115 7.31 -8.75 -23.41
C VAL B 115 7.64 -7.35 -23.93
N ASP B 116 8.83 -7.19 -24.48
CA ASP B 116 9.21 -5.91 -25.14
C ASP B 116 8.17 -5.42 -26.12
N GLU B 117 7.71 -6.29 -27.00
CA GLU B 117 6.78 -5.90 -28.05
C GLU B 117 5.47 -5.54 -27.45
N VAL B 118 4.93 -6.41 -26.57
CA VAL B 118 3.70 -6.08 -25.88
C VAL B 118 3.79 -4.74 -25.13
N GLU B 119 4.82 -4.56 -24.32
CA GLU B 119 4.96 -3.29 -23.62
C GLU B 119 4.92 -2.07 -24.59
N GLU B 120 5.53 -2.26 -25.75
CA GLU B 120 5.61 -1.25 -26.78
C GLU B 120 4.22 -0.89 -27.34
N THR B 121 3.48 -1.90 -27.82
CA THR B 121 2.08 -1.71 -28.21
C THR B 121 1.17 -1.15 -27.10
N LEU B 122 1.29 -1.67 -25.89
CA LEU B 122 0.43 -1.15 -24.85
C LEU B 122 0.35 0.36 -24.83
N ARG B 123 1.39 1.04 -25.26
CA ARG B 123 1.36 2.51 -25.29
C ARG B 123 0.23 3.08 -26.22
N ASN B 124 -0.21 2.32 -27.20
CA ASN B 124 -1.32 2.78 -27.98
C ASN B 124 -2.55 1.81 -27.92
N VAL B 125 -2.79 1.13 -26.79
CA VAL B 125 -3.92 0.17 -26.68
C VAL B 125 -5.03 0.75 -25.83
N THR B 126 -6.27 0.54 -26.24
CA THR B 126 -7.40 0.94 -25.40
C THR B 126 -8.14 -0.33 -25.04
N LEU B 127 -8.29 -0.58 -23.75
CA LEU B 127 -8.93 -1.75 -23.28
C LEU B 127 -10.39 -1.41 -23.03
N VAL B 128 -11.27 -2.16 -23.66
CA VAL B 128 -12.66 -1.78 -23.66
C VAL B 128 -13.44 -2.94 -23.12
N SER B 129 -14.38 -2.56 -22.27
CA SER B 129 -15.18 -3.53 -21.62
C SER B 129 -16.63 -3.38 -22.14
N GLN B 130 -17.13 -4.44 -22.71
CA GLN B 130 -18.46 -4.47 -23.25
C GLN B 130 -19.51 -4.63 -22.16
N ILE B 131 -20.48 -3.70 -22.05
CA ILE B 131 -21.64 -3.93 -21.13
C ILE B 131 -22.50 -5.10 -21.62
N VAL B 132 -22.75 -6.09 -20.79
CA VAL B 132 -23.57 -7.24 -21.19
C VAL B 132 -24.78 -7.42 -20.22
N PRO B 133 -26.03 -7.14 -20.67
CA PRO B 133 -27.17 -6.95 -19.80
C PRO B 133 -27.31 -7.87 -18.58
N GLY B 134 -27.51 -7.19 -17.43
CA GLY B 134 -27.66 -7.79 -16.07
C GLY B 134 -26.58 -8.79 -15.62
N GLN B 135 -25.57 -9.02 -16.47
CA GLN B 135 -24.25 -9.56 -16.08
C GLN B 135 -23.30 -8.48 -15.57
N GLN B 136 -22.27 -8.89 -14.87
CA GLN B 136 -21.42 -7.85 -14.36
C GLN B 136 -20.18 -7.80 -15.20
N GLU B 137 -19.59 -6.62 -15.39
CA GLU B 137 -18.30 -6.57 -16.09
C GLU B 137 -17.23 -7.51 -15.41
N SER B 138 -16.44 -8.23 -16.18
CA SER B 138 -15.35 -8.88 -15.55
C SER B 138 -14.28 -7.80 -15.43
N LEU B 139 -13.65 -7.74 -14.27
CA LEU B 139 -12.78 -6.65 -13.96
C LEU B 139 -11.44 -7.28 -13.58
N LEU B 140 -10.52 -7.37 -14.55
CA LEU B 140 -9.23 -8.05 -14.37
C LEU B 140 -8.03 -7.13 -14.41
N HIS B 141 -6.89 -7.62 -13.91
CA HIS B 141 -5.59 -7.06 -14.31
C HIS B 141 -4.87 -8.24 -14.83
N TRP B 142 -3.70 -8.00 -15.45
CA TRP B 142 -3.04 -9.03 -16.28
C TRP B 142 -1.58 -9.13 -16.00
N PHE B 143 -1.17 -10.41 -16.12
CA PHE B 143 0.16 -10.87 -15.83
C PHE B 143 0.73 -11.36 -17.13
N ILE B 144 1.81 -10.74 -17.58
CA ILE B 144 2.39 -11.13 -18.88
C ILE B 144 3.92 -11.45 -18.79
N GLY B 145 4.33 -12.61 -19.30
CA GLY B 145 5.76 -12.99 -19.16
C GLY B 145 6.34 -13.78 -20.31
N ASP B 146 7.63 -13.59 -20.57
CA ASP B 146 8.41 -14.41 -21.56
C ASP B 146 9.63 -15.05 -20.87
N GLY B 147 10.66 -15.41 -21.61
CA GLY B 147 11.84 -15.97 -20.93
C GLY B 147 12.71 -14.96 -20.15
N LYS B 148 12.53 -13.66 -20.36
CA LYS B 148 13.33 -12.65 -19.64
C LYS B 148 12.68 -11.95 -18.42
N ARG B 149 11.39 -11.64 -18.51
CA ARG B 149 10.75 -10.78 -17.52
C ARG B 149 9.22 -10.86 -17.57
N SER B 150 8.63 -9.95 -16.80
CA SER B 150 7.27 -9.97 -16.42
C SER B 150 6.77 -8.58 -16.40
N ILE B 151 5.57 -8.37 -16.95
CA ILE B 151 4.82 -7.12 -16.66
C ILE B 151 3.39 -7.28 -16.14
N VAL B 152 2.86 -6.20 -15.62
CA VAL B 152 1.55 -6.24 -15.03
C VAL B 152 0.75 -5.08 -15.64
N VAL B 153 -0.41 -5.40 -16.17
CA VAL B 153 -1.21 -4.34 -16.72
C VAL B 153 -2.40 -4.11 -15.80
N GLU B 154 -2.47 -2.89 -15.32
CA GLU B 154 -3.55 -2.47 -14.46
C GLU B 154 -4.21 -1.23 -15.03
N GLN B 155 -5.37 -1.50 -15.68
CA GLN B 155 -6.24 -0.45 -16.21
C GLN B 155 -7.22 -0.04 -15.15
N MET B 156 -7.16 1.21 -14.71
CA MET B 156 -7.95 1.72 -13.61
C MET B 156 -8.68 3.02 -13.96
N ALA B 157 -9.57 3.51 -13.09
CA ALA B 157 -10.23 4.83 -13.31
C ALA B 157 -9.26 5.86 -13.88
N ASP B 158 -8.08 5.97 -13.29
CA ASP B 158 -7.15 6.96 -13.80
C ASP B 158 -6.19 6.55 -14.94
N GLY B 159 -6.40 5.45 -15.66
CA GLY B 159 -5.51 5.20 -16.81
C GLY B 159 -4.83 3.86 -16.78
N MET B 160 -4.09 3.53 -17.83
CA MET B 160 -3.42 2.24 -17.93
C MET B 160 -2.08 2.31 -17.18
N HIS B 161 -1.89 1.44 -16.18
CA HIS B 161 -0.58 1.39 -15.51
C HIS B 161 0.11 0.16 -15.98
N VAL B 162 1.33 0.31 -16.43
CA VAL B 162 2.01 -0.89 -16.88
C VAL B 162 3.26 -0.96 -16.03
N HIS B 163 3.44 -2.06 -15.27
CA HIS B 163 4.54 -2.17 -14.29
C HIS B 163 5.44 -3.31 -14.72
N HIS B 164 6.72 -3.03 -14.58
CA HIS B 164 7.76 -4.06 -14.66
C HIS B 164 7.68 -4.86 -13.36
N ASP B 165 7.44 -6.17 -13.47
CA ASP B 165 7.16 -7.02 -12.32
C ASP B 165 8.42 -7.76 -11.82
N ASP B 166 9.20 -7.02 -11.01
CA ASP B 166 10.53 -7.51 -10.56
C ASP B 166 10.48 -8.77 -9.72
N VAL B 167 9.40 -9.02 -8.97
CA VAL B 167 9.30 -10.26 -8.20
C VAL B 167 8.68 -11.38 -8.97
N ASP B 168 8.27 -11.13 -10.22
CA ASP B 168 7.75 -12.14 -11.08
C ASP B 168 6.48 -12.85 -10.63
N VAL B 169 5.64 -12.12 -9.91
CA VAL B 169 4.49 -12.78 -9.23
C VAL B 169 3.28 -11.82 -9.29
N LEU B 170 2.04 -12.30 -9.30
CA LEU B 170 0.91 -11.36 -9.16
C LEU B 170 -0.24 -12.03 -8.49
N THR B 171 -1.09 -11.25 -7.86
CA THR B 171 -2.21 -11.86 -7.10
C THR B 171 -3.50 -11.00 -7.47
N ASN B 172 -4.30 -10.53 -6.50
CA ASN B 172 -5.46 -9.73 -6.72
C ASN B 172 -5.27 -8.35 -6.09
N GLN B 173 -6.31 -7.78 -5.45
CA GLN B 173 -6.27 -6.37 -5.00
C GLN B 173 -5.30 -6.23 -3.82
N PRO B 174 -4.89 -4.98 -3.48
CA PRO B 174 -5.10 -3.70 -4.16
C PRO B 174 -4.00 -3.52 -5.23
N THR B 175 -3.54 -2.31 -5.50
CA THR B 175 -2.68 -2.09 -6.67
C THR B 175 -1.25 -2.70 -6.52
N PHE B 176 -0.57 -2.80 -7.66
CA PHE B 176 0.72 -3.47 -7.71
C PHE B 176 1.74 -2.71 -6.86
N ASP B 177 1.62 -1.39 -6.82
CA ASP B 177 2.52 -0.53 -6.03
C ASP B 177 2.33 -0.86 -4.55
N PHE B 178 1.08 -1.04 -4.14
CA PHE B 178 0.84 -1.43 -2.77
C PHE B 178 1.59 -2.76 -2.39
N HIS B 179 1.44 -3.79 -3.20
CA HIS B 179 2.14 -4.98 -2.94
C HIS B 179 3.67 -4.79 -2.88
N MET B 180 4.23 -4.05 -3.82
CA MET B 180 5.66 -3.87 -3.78
C MET B 180 6.13 -3.15 -2.49
N GLU B 181 5.35 -2.19 -2.04
CA GLU B 181 5.69 -1.51 -0.80
C GLU B 181 5.59 -2.47 0.36
N ASN B 182 4.64 -3.40 0.25
CA ASN B 182 4.23 -4.21 1.39
C ASN B 182 5.31 -5.24 1.66
N LEU B 183 5.88 -5.79 0.60
CA LEU B 183 7.03 -6.64 0.63
C LEU B 183 8.10 -6.11 1.58
N ARG B 184 8.27 -4.79 1.63
CA ARG B 184 9.34 -4.21 2.43
C ARG B 184 9.19 -4.62 3.89
N ASN B 185 7.95 -4.91 4.33
CA ASN B 185 7.73 -5.32 5.73
C ASN B 185 8.43 -6.63 6.03
N TYR B 186 8.59 -7.43 5.00
CA TYR B 186 9.09 -8.78 5.17
C TYR B 186 10.54 -8.93 4.71
N MET B 187 11.29 -7.85 4.58
CA MET B 187 12.63 -7.93 3.99
C MET B 187 13.62 -8.73 4.83
N CYS B 188 13.34 -8.94 6.12
CA CYS B 188 14.22 -9.73 7.03
C CYS B 188 13.91 -11.23 7.11
N VAL B 189 12.85 -11.70 6.49
CA VAL B 189 12.49 -13.11 6.50
C VAL B 189 13.62 -13.82 5.73
N SER B 190 14.03 -15.01 6.14
CA SER B 190 15.21 -15.68 5.59
C SER B 190 15.00 -17.16 5.40
N ASN B 191 15.63 -17.71 4.37
CA ASN B 191 15.58 -19.13 4.28
C ASN B 191 16.80 -19.82 4.93
N GLU B 192 17.69 -19.07 5.57
CA GLU B 192 18.80 -19.63 6.36
C GLU B 192 18.28 -20.24 7.68
N MET B 193 18.99 -21.23 8.23
CA MET B 193 18.76 -21.70 9.59
C MET B 193 19.01 -20.55 10.53
N ALA B 194 18.10 -20.30 11.45
CA ALA B 194 18.22 -19.16 12.31
C ALA B 194 19.41 -19.42 13.25
N GLU B 195 20.28 -18.46 13.47
CA GLU B 195 21.35 -18.75 14.35
C GLU B 195 21.08 -18.35 15.76
N PRO B 196 21.55 -19.18 16.71
CA PRO B 196 21.52 -18.95 18.13
C PRO B 196 21.89 -17.51 18.43
N THR B 197 21.11 -16.85 19.26
CA THR B 197 21.36 -15.47 19.57
C THR B 197 20.86 -15.37 20.98
N SER B 198 21.09 -14.27 21.64
CA SER B 198 20.68 -14.19 23.02
C SER B 198 19.84 -12.96 23.35
N TRP B 199 18.87 -13.14 24.27
CA TRP B 199 18.19 -11.99 24.81
C TRP B 199 18.56 -11.97 26.24
N GLY B 200 19.38 -11.00 26.66
CA GLY B 200 19.89 -11.04 28.06
C GLY B 200 20.61 -12.38 28.29
N LYS B 201 20.21 -13.14 29.30
CA LYS B 201 20.92 -14.38 29.47
C LYS B 201 20.23 -15.52 28.76
N ALA B 202 19.05 -15.26 28.17
CA ALA B 202 18.40 -16.38 27.50
C ALA B 202 19.03 -16.61 26.14
N SER B 203 19.35 -17.85 25.94
CA SER B 203 19.90 -18.36 24.74
C SER B 203 18.74 -18.90 23.87
N LEU B 204 18.57 -18.35 22.69
CA LEU B 204 17.48 -18.81 21.81
C LEU B 204 18.07 -19.56 20.65
N THR B 205 17.52 -20.74 20.41
CA THR B 205 17.86 -21.49 19.17
C THR B 205 16.55 -21.93 18.45
N ALA B 206 16.61 -22.23 17.14
CA ALA B 206 15.46 -22.71 16.42
C ALA B 206 15.18 -24.18 16.77
N TRP B 207 13.91 -24.64 16.83
CA TRP B 207 13.67 -26.05 17.02
C TRP B 207 14.19 -26.82 15.82
N GLY B 208 14.31 -26.16 14.68
CA GLY B 208 14.47 -26.90 13.39
C GLY B 208 14.37 -25.92 12.23
N ALA B 209 14.16 -26.40 11.02
CA ALA B 209 14.06 -25.46 9.89
C ALA B 209 12.79 -24.62 10.04
N GLY B 210 12.83 -23.44 9.45
CA GLY B 210 11.60 -22.65 9.29
C GLY B 210 11.56 -21.38 10.08
N VAL B 211 12.27 -21.35 11.22
CA VAL B 211 12.21 -20.24 12.15
C VAL B 211 12.65 -18.94 11.49
N GLY B 212 13.60 -18.98 10.56
CA GLY B 212 14.09 -17.72 9.99
C GLY B 212 13.05 -17.12 9.01
N MET B 213 12.05 -17.93 8.67
CA MET B 213 11.00 -17.60 7.71
C MET B 213 9.81 -16.99 8.50
N HIS B 214 9.81 -17.13 9.81
CA HIS B 214 8.78 -16.60 10.61
C HIS B 214 8.52 -15.10 10.30
N GLY B 215 7.24 -14.69 10.19
CA GLY B 215 6.89 -13.33 9.77
C GLY B 215 6.11 -13.36 8.47
N ILE B 216 6.33 -14.37 7.62
CA ILE B 216 5.52 -14.54 6.43
C ILE B 216 4.06 -14.90 6.84
N PRO B 217 3.08 -14.20 6.24
CA PRO B 217 1.70 -14.49 6.62
C PRO B 217 1.21 -15.73 5.96
N GLY B 218 0.25 -16.39 6.61
CA GLY B 218 -0.23 -17.64 6.12
C GLY B 218 -1.64 -17.65 5.58
N ASP B 219 -2.39 -16.54 5.65
CA ASP B 219 -3.77 -16.61 5.31
C ASP B 219 -3.83 -16.57 3.77
N VAL B 220 -4.99 -16.80 3.21
CA VAL B 220 -5.13 -16.78 1.79
C VAL B 220 -5.74 -15.49 1.22
N SER B 221 -5.78 -14.39 1.95
CA SER B 221 -6.12 -13.15 1.34
C SER B 221 -5.11 -12.77 0.26
N SER B 222 -5.52 -11.84 -0.60
CA SER B 222 -4.72 -11.44 -1.75
C SER B 222 -3.34 -10.84 -1.45
N PRO B 223 -3.25 -9.89 -0.49
CA PRO B 223 -1.89 -9.36 -0.15
C PRO B 223 -0.99 -10.44 0.53
N SER B 224 -1.56 -11.31 1.42
CA SER B 224 -0.72 -12.35 2.04
C SER B 224 -0.20 -13.32 0.98
N ARG B 225 -1.04 -13.76 0.03
CA ARG B 225 -0.56 -14.66 -1.01
C ARG B 225 0.51 -13.96 -1.80
N PHE B 226 0.32 -12.66 -2.03
CA PHE B 226 1.30 -11.97 -2.78
C PHE B 226 2.71 -12.10 -2.14
N VAL B 227 2.78 -11.86 -0.83
CA VAL B 227 3.98 -11.93 -0.10
C VAL B 227 4.51 -13.36 -0.08
N ARG B 228 3.67 -14.34 0.27
CA ARG B 228 4.14 -15.71 0.40
C ARG B 228 4.67 -16.28 -0.94
N VAL B 229 4.01 -16.02 -2.04
CA VAL B 229 4.40 -16.62 -3.31
C VAL B 229 5.56 -15.78 -3.89
N ALA B 230 5.68 -14.48 -3.56
CA ALA B 230 6.92 -13.77 -3.94
C ALA B 230 8.18 -14.34 -3.24
N TYR B 231 8.07 -14.54 -1.93
CA TYR B 231 9.13 -15.14 -1.17
C TYR B 231 9.55 -16.47 -1.79
N THR B 232 8.59 -17.38 -1.92
CA THR B 232 8.81 -18.70 -2.46
C THR B 232 9.45 -18.64 -3.84
N ASN B 233 9.00 -17.75 -4.68
CA ASN B 233 9.49 -17.80 -6.04
C ASN B 233 10.88 -17.19 -6.12
N ALA B 234 11.17 -16.17 -5.30
CA ALA B 234 12.48 -15.60 -5.28
C ALA B 234 13.43 -16.56 -4.64
N HIS B 235 12.98 -17.52 -3.87
CA HIS B 235 14.03 -18.26 -3.10
C HIS B 235 14.21 -19.67 -3.57
N TYR B 236 13.42 -20.06 -4.54
CA TYR B 236 13.50 -21.39 -5.03
C TYR B 236 14.76 -21.50 -5.92
N PRO B 237 15.63 -22.52 -5.70
CA PRO B 237 16.84 -22.56 -6.55
C PRO B 237 16.54 -22.87 -8.02
N GLN B 238 17.24 -22.20 -8.93
CA GLN B 238 17.20 -22.44 -10.39
C GLN B 238 17.26 -23.89 -10.76
N GLN B 239 16.59 -24.27 -11.81
CA GLN B 239 16.65 -25.66 -12.27
C GLN B 239 16.87 -25.64 -13.73
N ASN B 240 17.58 -26.64 -14.24
CA ASN B 240 17.82 -26.63 -15.68
C ASN B 240 17.40 -27.88 -16.44
N ASP B 241 16.33 -28.54 -16.02
CA ASP B 241 15.71 -29.46 -16.93
C ASP B 241 14.20 -29.25 -16.91
N GLU B 242 13.49 -29.94 -17.81
CA GLU B 242 12.05 -29.65 -17.97
C GLU B 242 11.24 -30.14 -16.73
N ALA B 243 11.32 -31.45 -16.39
CA ALA B 243 10.74 -32.05 -15.18
C ALA B 243 10.88 -31.18 -13.86
N ALA B 244 12.07 -30.74 -13.59
CA ALA B 244 12.30 -30.09 -12.37
C ALA B 244 11.65 -28.67 -12.45
N ASN B 245 11.69 -28.00 -13.62
CA ASN B 245 11.06 -26.70 -13.74
C ASN B 245 9.55 -26.79 -13.71
N VAL B 246 9.00 -27.82 -14.28
CA VAL B 246 7.58 -27.96 -14.15
C VAL B 246 7.18 -28.11 -12.66
N SER B 247 8.00 -28.89 -11.95
CA SER B 247 7.82 -29.20 -10.54
C SER B 247 7.97 -27.89 -9.68
N ARG B 248 9.01 -27.11 -9.98
CA ARG B 248 9.18 -25.84 -9.37
C ARG B 248 7.88 -24.95 -9.54
N LEU B 249 7.33 -24.90 -10.75
CA LEU B 249 6.17 -24.09 -11.07
C LEU B 249 4.95 -24.52 -10.20
N PHE B 250 4.71 -25.82 -10.09
CA PHE B 250 3.56 -26.26 -9.35
C PHE B 250 3.75 -26.23 -7.86
N HIS B 251 4.96 -26.52 -7.37
CA HIS B 251 5.22 -26.37 -5.96
C HIS B 251 5.06 -24.90 -5.62
N THR B 252 5.68 -24.01 -6.38
CA THR B 252 5.54 -22.58 -6.07
C THR B 252 4.04 -22.14 -5.95
N LEU B 253 3.24 -22.40 -6.98
CA LEU B 253 1.82 -22.09 -7.02
C LEU B 253 1.15 -22.75 -5.85
N GLY B 254 1.56 -23.98 -5.51
CA GLY B 254 0.92 -24.76 -4.46
C GLY B 254 1.09 -24.07 -3.14
N SER B 255 2.15 -23.28 -2.96
CA SER B 255 2.34 -22.68 -1.68
C SER B 255 1.30 -21.58 -1.38
N VAL B 256 0.52 -21.17 -2.39
CA VAL B 256 -0.52 -20.25 -2.12
C VAL B 256 -1.88 -20.85 -2.54
N GLN B 257 -2.04 -22.16 -2.45
CA GLN B 257 -3.32 -22.66 -2.83
C GLN B 257 -4.43 -22.43 -1.80
N MET B 258 -5.68 -22.37 -2.30
CA MET B 258 -6.81 -22.15 -1.40
C MET B 258 -7.45 -23.48 -1.20
N VAL B 259 -7.43 -23.94 0.02
CA VAL B 259 -7.99 -25.25 0.32
C VAL B 259 -9.47 -25.12 0.77
N ASP B 260 -10.28 -26.12 0.45
CA ASP B 260 -11.69 -26.08 0.87
C ASP B 260 -11.77 -25.74 2.32
N GLY B 261 -12.69 -24.84 2.74
CA GLY B 261 -12.95 -24.62 4.19
C GLY B 261 -12.18 -23.41 4.76
N MET B 262 -11.10 -23.04 4.09
CA MET B 262 -10.23 -21.97 4.60
C MET B 262 -10.84 -20.56 4.59
N ALA B 263 -11.57 -20.20 3.54
CA ALA B 263 -12.02 -18.84 3.40
C ALA B 263 -13.33 -18.73 2.56
N LYS B 264 -14.42 -18.21 3.13
CA LYS B 264 -15.64 -17.97 2.27
C LYS B 264 -15.55 -16.66 1.46
N MET B 265 -16.01 -16.64 0.22
CA MET B 265 -16.14 -15.37 -0.49
C MET B 265 -17.51 -14.70 -0.24
N GLY B 266 -17.79 -13.58 -0.94
CA GLY B 266 -19.07 -12.84 -0.67
C GLY B 266 -20.33 -13.71 -0.69
N ASP B 267 -20.41 -14.63 -1.65
CA ASP B 267 -21.63 -15.45 -1.76
C ASP B 267 -21.81 -16.47 -0.65
N GLY B 268 -20.88 -16.63 0.28
CA GLY B 268 -21.01 -17.72 1.32
C GLY B 268 -20.29 -19.03 1.01
N GLN B 269 -19.82 -19.18 -0.21
CA GLN B 269 -19.14 -20.39 -0.68
C GLN B 269 -17.61 -20.32 -0.46
N PHE B 270 -16.98 -21.48 -0.31
CA PHE B 270 -15.55 -21.51 -0.07
C PHE B 270 -14.81 -21.24 -1.35
N GLU B 271 -13.91 -20.27 -1.36
CA GLU B 271 -13.04 -20.13 -2.55
C GLU B 271 -11.93 -21.22 -2.55
N ARG B 272 -11.59 -21.76 -3.72
CA ARG B 272 -10.70 -22.91 -3.84
C ARG B 272 -9.84 -22.81 -5.09
N THR B 273 -8.66 -23.43 -5.11
CA THR B 273 -7.85 -23.39 -6.31
C THR B 273 -8.40 -24.44 -7.22
N LEU B 274 -9.20 -24.03 -8.21
CA LEU B 274 -10.02 -25.01 -9.01
C LEU B 274 -9.10 -25.77 -9.91
N PHE B 275 -8.14 -25.04 -10.42
CA PHE B 275 -7.11 -25.66 -11.19
C PHE B 275 -5.86 -24.79 -11.15
N THR B 276 -4.76 -25.38 -11.63
CA THR B 276 -3.48 -24.73 -11.75
C THR B 276 -2.95 -25.14 -13.12
N SER B 277 -2.43 -24.16 -13.85
CA SER B 277 -1.94 -24.44 -15.17
C SER B 277 -0.62 -23.74 -15.29
N GLY B 278 0.17 -24.17 -16.27
CA GLY B 278 1.41 -23.47 -16.60
C GLY B 278 1.96 -23.88 -17.95
N TYR B 279 3.06 -23.26 -18.31
CA TYR B 279 3.51 -23.39 -19.66
C TYR B 279 5.01 -23.36 -19.70
N SER B 280 5.59 -24.18 -20.58
CA SER B 280 7.02 -24.24 -20.81
C SER B 280 7.35 -23.88 -22.26
N SER B 281 8.30 -22.97 -22.43
CA SER B 281 8.74 -22.67 -23.77
C SER B 281 9.92 -23.55 -24.27
N LYS B 282 10.74 -24.17 -23.39
CA LYS B 282 11.66 -25.25 -23.79
C LYS B 282 10.78 -26.20 -24.67
N THR B 283 9.51 -26.41 -24.37
CA THR B 283 8.82 -27.51 -25.07
C THR B 283 7.44 -27.17 -25.58
N ASN B 284 7.13 -25.88 -25.72
CA ASN B 284 5.75 -25.51 -26.03
C ASN B 284 4.67 -26.48 -25.53
N THR B 285 4.61 -26.69 -24.21
CA THR B 285 3.61 -27.55 -23.61
C THR B 285 2.88 -26.79 -22.50
N TYR B 286 1.57 -27.03 -22.40
CA TYR B 286 0.79 -26.42 -21.39
C TYR B 286 0.50 -27.55 -20.44
N TYR B 287 0.51 -27.28 -19.13
CA TYR B 287 0.28 -28.32 -18.14
C TYR B 287 -0.89 -27.95 -17.24
N MET B 288 -1.55 -28.92 -16.60
CA MET B 288 -2.65 -28.57 -15.74
C MET B 288 -3.00 -29.65 -14.75
N ASN B 289 -3.30 -29.28 -13.51
CA ASN B 289 -3.99 -30.23 -12.66
C ASN B 289 -5.19 -29.54 -12.04
N THR B 290 -5.99 -30.22 -11.23
CA THR B 290 -7.20 -29.54 -10.75
C THR B 290 -7.37 -29.84 -9.29
N TYR B 291 -8.29 -29.13 -8.65
CA TYR B 291 -8.53 -29.44 -7.28
C TYR B 291 -8.78 -30.91 -7.07
N ASP B 292 -9.42 -31.58 -8.04
CA ASP B 292 -9.96 -32.92 -7.85
C ASP B 292 -8.93 -33.93 -8.13
N ASP B 293 -7.86 -33.53 -8.82
CA ASP B 293 -6.84 -34.49 -9.17
C ASP B 293 -5.51 -33.78 -9.37
N PRO B 294 -4.54 -34.06 -8.50
CA PRO B 294 -3.27 -33.31 -8.67
C PRO B 294 -2.35 -33.83 -9.77
N ALA B 295 -2.73 -34.91 -10.46
CA ALA B 295 -1.87 -35.45 -11.57
C ALA B 295 -1.67 -34.38 -12.60
N ILE B 296 -0.44 -34.11 -12.97
CA ILE B 296 -0.26 -33.01 -13.88
C ILE B 296 -0.40 -33.51 -15.32
N ARG B 297 -1.46 -33.14 -16.05
CA ARG B 297 -1.46 -33.56 -17.44
C ARG B 297 -0.86 -32.54 -18.34
N SER B 298 -0.32 -32.98 -19.48
CA SER B 298 0.43 -32.11 -20.42
C SER B 298 -0.19 -32.10 -21.82
N TYR B 299 0.06 -31.03 -22.56
CA TYR B 299 -0.69 -30.82 -23.78
C TYR B 299 0.29 -30.13 -24.64
N ALA B 300 0.98 -30.92 -25.48
CA ALA B 300 2.09 -30.40 -26.29
C ALA B 300 1.51 -29.67 -27.50
N MET B 301 2.16 -28.60 -27.94
CA MET B 301 1.61 -27.86 -29.06
C MET B 301 1.79 -28.74 -30.29
N ALA B 302 2.99 -29.28 -30.45
CA ALA B 302 3.28 -30.24 -31.53
C ALA B 302 2.23 -31.40 -31.71
N ASP B 303 1.35 -31.64 -30.76
CA ASP B 303 0.32 -32.68 -30.98
C ASP B 303 -0.96 -32.18 -31.56
N TYR B 304 -0.96 -30.90 -31.96
CA TYR B 304 -2.16 -30.34 -32.55
C TYR B 304 -1.82 -29.85 -33.94
N ASP B 305 -2.76 -30.03 -34.87
CA ASP B 305 -2.53 -29.48 -36.19
C ASP B 305 -2.57 -27.93 -36.18
N MET B 306 -1.38 -27.36 -36.04
CA MET B 306 -1.29 -25.90 -35.89
C MET B 306 -1.85 -25.06 -37.04
N ASP B 307 -1.70 -25.51 -38.29
CA ASP B 307 -2.31 -24.86 -39.48
C ASP B 307 -3.81 -25.09 -39.63
N SER B 308 -4.42 -25.93 -38.77
CA SER B 308 -5.90 -26.10 -38.70
C SER B 308 -6.66 -24.75 -38.67
N SER B 309 -7.99 -24.78 -38.65
CA SER B 309 -8.69 -23.51 -38.69
C SER B 309 -9.93 -23.48 -37.78
N GLU B 310 -10.22 -24.63 -37.14
CA GLU B 310 -11.20 -24.69 -36.05
C GLU B 310 -10.45 -24.82 -34.72
N LEU B 311 -11.04 -24.22 -33.68
CA LEU B 311 -10.43 -24.26 -32.38
C LEU B 311 -10.91 -25.48 -31.60
N ILE B 312 -9.94 -26.16 -30.96
CA ILE B 312 -10.17 -27.42 -30.24
C ILE B 312 -10.23 -27.27 -28.69
N SER B 313 -11.17 -27.99 -28.09
CA SER B 313 -11.26 -28.18 -26.66
C SER B 313 -10.94 -29.62 -26.30
N VAL B 314 -10.21 -29.91 -25.23
CA VAL B 314 -9.96 -31.32 -24.84
C VAL B 314 -10.53 -31.65 -23.40
N ALA B 315 -10.47 -32.92 -22.87
CA ALA B 315 -10.86 -33.30 -21.47
C ALA B 315 -10.62 -34.65 -21.03
N ARG B 316 -11.55 -35.15 -20.21
CA ARG B 316 -11.43 -36.50 -19.68
C ARG B 316 -10.54 -36.54 -18.44
S SO4 C . 1.69 -8.88 9.32
O1 SO4 C . 0.48 -9.01 8.46
O2 SO4 C . 1.32 -8.29 10.61
O3 SO4 C . 2.33 -10.20 9.18
O4 SO4 C . 2.70 -7.93 8.79
#